data_8A5X
#
_entry.id   8A5X
#
_cell.length_a   48.383
_cell.length_b   87.007
_cell.length_c   71.376
_cell.angle_alpha   90.000
_cell.angle_beta   107.780
_cell.angle_gamma   90.000
#
_symmetry.space_group_name_H-M   'P 1 21 1'
#
loop_
_entity.id
_entity.type
_entity.pdbx_description
1 polymer 'Phosphatidylinositol 4-kinase type 2-beta,Endolysin'
2 non-polymer 4-azanyl-7-[3-(hydroxymethyl)phenyl]quinazoline-6-carboxamide
3 water water
#
_entity_poly.entity_id   1
_entity_poly.type   'polypeptide(L)'
_entity_poly.pdbx_seq_one_letter_code
;VTIGTSEMNAFLDDPEFADIMLRAEQAIEVGIFPERISQGSSGSYFVKDPKRKIIGVFKPKSEEPYGQLNPKWTKYNIFE
MLRIDEGLRLKIYKDTEGYYTIGIGHLLTKSPSLNAAKSELDKAIGRNTNGVITKDEAEKLFNQDVDAAVRGILRNAKLK
PVYDSLDAVRRAALINMVFQMGETGVAGFTNSLRMLQQKRWDEAAVNLAKSRWYNQTPNRAKRVITTFRTGTWDAYKNLG
RGCLIPNQGYLSEAGAYLVDNKLHLSIVPKTKVVWLVSETFNYNAIDRAKSRGKKYALEKVPKVGRKFHRIGLPPKIGSF
QLFVEGYKEAEYWLRKFEADPLPENIRKQFQSQFERLVILDYIIRNTDRGNDNWLVRYEKQKCEKEIDHKESKWIDDEEF
LIKIAAIDNGLAFPFKHPDEWRAYPFHWAWLPQAKVPFSEEIRNLILPYISDMNFVQDLCEDLYELFKTDKGFDKATFES
QMSVMRGQILNLTQALRDGKSPFQLVQIPCVIVE
;
_entity_poly.pdbx_strand_id   A
#
# COMPACT_ATOMS: atom_id res chain seq x y z
N GLU A 7 -14.18 19.62 -22.48
CA GLU A 7 -14.92 18.78 -21.55
C GLU A 7 -14.54 17.30 -21.70
N MET A 8 -13.49 16.88 -21.01
CA MET A 8 -13.03 15.51 -21.08
C MET A 8 -14.00 14.53 -20.44
N ASN A 9 -14.85 14.99 -19.52
CA ASN A 9 -15.76 14.12 -18.76
C ASN A 9 -17.16 14.08 -19.37
N ALA A 10 -17.26 14.24 -20.69
CA ALA A 10 -18.57 14.30 -21.33
C ALA A 10 -19.28 12.95 -21.41
N PHE A 11 -18.58 11.84 -21.18
CA PHE A 11 -19.13 10.52 -21.42
C PHE A 11 -19.14 9.67 -20.15
N LEU A 12 -19.45 10.28 -19.02
CA LEU A 12 -19.59 9.53 -17.78
C LEU A 12 -20.93 8.79 -17.75
N ASP A 13 -20.95 7.66 -17.06
CA ASP A 13 -22.12 6.79 -17.01
C ASP A 13 -23.02 7.06 -15.81
N ASP A 14 -22.73 8.09 -15.02
CA ASP A 14 -23.45 8.38 -13.78
C ASP A 14 -23.90 9.84 -13.82
N PRO A 15 -25.18 10.11 -14.08
CA PRO A 15 -25.64 11.51 -14.12
C PRO A 15 -25.41 12.26 -12.81
N GLU A 16 -25.60 11.60 -11.66
CA GLU A 16 -25.33 12.25 -10.39
C GLU A 16 -23.85 12.57 -10.24
N PHE A 17 -22.98 11.63 -10.63
CA PHE A 17 -21.55 11.89 -10.57
C PHE A 17 -21.13 12.97 -11.56
N ALA A 18 -21.75 12.97 -12.75
CA ALA A 18 -21.44 13.99 -13.74
C ALA A 18 -21.78 15.39 -13.24
N ASP A 19 -22.83 15.52 -12.43
CA ASP A 19 -23.15 16.80 -11.81
C ASP A 19 -22.03 17.25 -10.88
N ILE A 20 -21.46 16.31 -10.12
CA ILE A 20 -20.35 16.66 -9.22
C ILE A 20 -19.16 17.18 -10.03
N MET A 21 -18.84 16.49 -11.12
CA MET A 21 -17.69 16.90 -11.94
C MET A 21 -17.92 18.27 -12.58
N LEU A 22 -19.15 18.56 -12.99
CA LEU A 22 -19.44 19.88 -13.55
C LEU A 22 -19.19 20.97 -12.53
N ARG A 23 -19.63 20.76 -11.28
CA ARG A 23 -19.37 21.72 -10.22
C ARG A 23 -17.87 21.88 -9.98
N ALA A 24 -17.13 20.77 -10.06
CA ALA A 24 -15.68 20.83 -9.90
C ALA A 24 -15.05 21.69 -11.00
N GLU A 25 -15.46 21.48 -12.24
CA GLU A 25 -14.90 22.25 -13.35
C GLU A 25 -15.31 23.72 -13.25
N GLN A 26 -16.54 24.00 -12.84
CA GLN A 26 -16.98 25.37 -12.65
C GLN A 26 -16.15 26.07 -11.58
N ALA A 27 -15.84 25.37 -10.49
CA ALA A 27 -15.01 25.95 -9.44
C ALA A 27 -13.62 26.28 -9.96
N ILE A 28 -13.05 25.40 -10.78
CA ILE A 28 -11.72 25.64 -11.33
C ILE A 28 -11.73 26.81 -12.30
N GLU A 29 -12.81 26.93 -13.09
CA GLU A 29 -12.91 28.05 -14.03
C GLU A 29 -12.96 29.40 -13.33
N VAL A 30 -13.35 29.44 -12.05
CA VAL A 30 -13.44 30.68 -11.30
C VAL A 30 -12.30 30.80 -10.30
N GLY A 31 -11.32 29.91 -10.35
CA GLY A 31 -10.13 30.02 -9.52
C GLY A 31 -10.17 29.28 -8.21
N ILE A 32 -11.14 28.41 -7.99
CA ILE A 32 -11.22 27.61 -6.76
C ILE A 32 -10.66 26.24 -7.12
N PHE A 33 -9.35 26.07 -6.93
CA PHE A 33 -8.62 24.91 -7.39
C PHE A 33 -8.61 23.80 -6.34
N PRO A 34 -8.46 22.56 -6.77
CA PRO A 34 -8.27 21.47 -5.81
C PRO A 34 -7.05 21.71 -4.94
N GLU A 35 -7.18 21.36 -3.66
CA GLU A 35 -6.17 21.66 -2.66
C GLU A 35 -5.34 20.42 -2.38
N ARG A 36 -4.02 20.55 -2.55
CA ARG A 36 -3.13 19.40 -2.32
C ARG A 36 -3.09 19.04 -0.85
N ILE A 37 -3.11 17.73 -0.59
CA ILE A 37 -3.11 17.20 0.77
C ILE A 37 -1.68 16.91 1.19
N SER A 38 -1.30 17.40 2.38
CA SER A 38 0.10 17.39 2.79
C SER A 38 0.54 16.08 3.41
N GLN A 39 -0.38 15.26 3.90
CA GLN A 39 0.00 14.12 4.74
C GLN A 39 0.52 12.94 3.93
N GLY A 40 -0.14 12.61 2.82
CA GLY A 40 0.08 11.33 2.16
C GLY A 40 1.44 11.22 1.51
N SER A 41 1.74 10.00 1.07
CA SER A 41 2.96 9.67 0.34
C SER A 41 2.82 9.91 -1.16
N SER A 42 1.71 10.49 -1.60
CA SER A 42 1.45 10.72 -3.01
C SER A 42 0.66 12.01 -3.16
N GLY A 43 0.35 12.37 -4.40
CA GLY A 43 -0.43 13.56 -4.69
C GLY A 43 -1.91 13.31 -4.69
N SER A 44 -2.60 13.75 -3.64
CA SER A 44 -4.05 13.68 -3.56
C SER A 44 -4.59 15.06 -3.24
N TYR A 45 -5.79 15.36 -3.77
CA TYR A 45 -6.33 16.71 -3.73
C TYR A 45 -7.78 16.70 -3.28
N PHE A 46 -8.10 17.64 -2.39
CA PHE A 46 -9.49 17.94 -2.03
C PHE A 46 -10.08 18.82 -3.12
N VAL A 47 -11.06 18.31 -3.84
CA VAL A 47 -11.70 19.08 -4.91
C VAL A 47 -12.82 19.91 -4.29
N LYS A 48 -12.96 21.14 -4.76
CA LYS A 48 -13.95 22.08 -4.24
C LYS A 48 -15.00 22.37 -5.30
N ASP A 49 -16.17 22.77 -4.84
CA ASP A 49 -17.24 23.33 -5.67
C ASP A 49 -17.15 24.85 -5.68
N PRO A 50 -17.95 25.54 -6.51
CA PRO A 50 -17.87 27.01 -6.52
C PRO A 50 -18.14 27.65 -5.16
N LYS A 51 -18.76 26.94 -4.23
CA LYS A 51 -18.98 27.43 -2.87
C LYS A 51 -17.87 27.02 -1.91
N ARG A 52 -16.73 26.56 -2.44
CA ARG A 52 -15.56 26.17 -1.65
C ARG A 52 -15.86 25.00 -0.70
N LYS A 53 -16.81 24.15 -1.08
CA LYS A 53 -17.14 22.96 -0.31
C LYS A 53 -16.43 21.76 -0.91
N ILE A 54 -15.87 20.91 -0.05
CA ILE A 54 -15.15 19.73 -0.52
C ILE A 54 -16.15 18.72 -1.06
N ILE A 55 -16.00 18.36 -2.33
CA ILE A 55 -16.91 17.41 -2.97
C ILE A 55 -16.24 16.10 -3.34
N GLY A 56 -14.92 15.99 -3.23
CA GLY A 56 -14.28 14.73 -3.57
C GLY A 56 -12.80 14.76 -3.31
N VAL A 57 -12.18 13.60 -3.50
CA VAL A 57 -10.73 13.42 -3.41
C VAL A 57 -10.23 12.93 -4.76
N PHE A 58 -9.26 13.65 -5.32
CA PHE A 58 -8.73 13.35 -6.65
C PHE A 58 -7.29 12.87 -6.52
N LYS A 59 -6.97 11.76 -7.19
CA LYS A 59 -5.64 11.17 -7.15
C LYS A 59 -5.14 10.98 -8.57
N PRO A 60 -4.35 11.93 -9.10
CA PRO A 60 -3.85 11.79 -10.46
C PRO A 60 -2.96 10.57 -10.62
N LYS A 61 -3.00 9.98 -11.81
CA LYS A 61 -2.14 8.83 -12.11
C LYS A 61 -0.67 9.20 -12.01
N SER A 62 -0.29 10.37 -12.53
CA SER A 62 1.10 10.78 -12.56
C SER A 62 1.64 11.17 -11.19
N GLU A 63 0.78 11.37 -10.18
CA GLU A 63 1.22 11.74 -8.85
C GLU A 63 1.05 10.61 -7.84
N GLU A 64 0.88 9.37 -8.32
CA GLU A 64 0.82 8.19 -7.48
C GLU A 64 2.19 7.98 -6.83
N PRO A 65 2.28 7.12 -5.80
CA PRO A 65 3.54 7.04 -5.03
C PRO A 65 4.81 6.91 -5.87
N TYR A 66 4.75 6.20 -7.00
CA TYR A 66 5.90 6.08 -7.88
C TYR A 66 5.66 6.74 -9.23
N GLY A 67 4.64 7.59 -9.35
CA GLY A 67 4.45 8.35 -10.55
C GLY A 67 5.54 9.37 -10.76
N GLN A 68 5.76 9.74 -12.02
CA GLN A 68 6.84 10.64 -12.38
C GLN A 68 6.64 12.06 -11.84
N LEU A 69 5.43 12.42 -11.40
CA LEU A 69 5.14 13.76 -10.92
C LEU A 69 4.60 13.75 -9.50
N ASN A 70 4.97 12.74 -8.71
CA ASN A 70 4.57 12.71 -7.30
C ASN A 70 5.32 13.80 -6.55
N PRO A 71 4.62 14.75 -5.92
CA PRO A 71 5.30 15.88 -5.26
C PRO A 71 5.79 15.58 -3.85
N LYS A 72 5.52 14.41 -3.29
CA LYS A 72 5.90 14.09 -1.92
C LYS A 72 7.23 13.35 -1.95
N TRP A 73 8.34 14.11 -1.90
CA TRP A 73 9.65 13.50 -2.02
C TRP A 73 10.03 12.71 -0.77
N THR A 74 9.35 12.93 0.36
CA THR A 74 9.64 12.14 1.57
C THR A 74 9.28 10.68 1.40
N LYS A 75 8.56 10.32 0.33
CA LYS A 75 8.27 8.93 0.03
C LYS A 75 9.56 8.12 -0.11
N TYR A 76 10.56 8.69 -0.77
CA TYR A 76 11.82 7.98 -1.03
C TYR A 76 12.74 8.18 0.17
N ASN A 77 12.81 7.17 1.03
CA ASN A 77 13.67 7.20 2.20
C ASN A 77 14.18 5.80 2.49
N ILE A 78 15.00 5.68 3.53
CA ILE A 78 15.65 4.41 3.86
C ILE A 78 14.61 3.38 4.32
N PHE A 79 13.57 3.83 5.04
CA PHE A 79 12.55 2.90 5.52
C PHE A 79 11.84 2.21 4.36
N GLU A 80 11.47 2.97 3.33
CA GLU A 80 10.84 2.38 2.16
C GLU A 80 11.83 1.53 1.37
N MET A 81 13.10 1.91 1.37
CA MET A 81 14.13 1.12 0.70
C MET A 81 14.23 -0.27 1.32
N LEU A 82 14.33 -0.33 2.64
CA LEU A 82 14.44 -1.62 3.32
C LEU A 82 13.12 -2.37 3.38
N ARG A 83 11.99 -1.66 3.26
CA ARG A 83 10.70 -2.32 3.16
C ARG A 83 10.66 -3.20 1.91
N ILE A 84 11.17 -2.69 0.79
CA ILE A 84 11.25 -3.48 -0.43
C ILE A 84 12.29 -4.59 -0.30
N ASP A 85 13.49 -4.24 0.16
CA ASP A 85 14.59 -5.20 0.15
C ASP A 85 14.44 -6.25 1.24
N GLU A 86 14.00 -5.86 2.43
CA GLU A 86 13.92 -6.78 3.56
C GLU A 86 12.50 -7.19 3.92
N GLY A 87 11.55 -6.27 3.85
CA GLY A 87 10.17 -6.60 4.17
C GLY A 87 9.76 -6.05 5.52
N LEU A 88 8.46 -5.78 5.65
CA LEU A 88 7.88 -5.21 6.87
C LEU A 88 6.88 -6.19 7.45
N ARG A 89 7.02 -6.47 8.75
CA ARG A 89 6.07 -7.29 9.48
C ARG A 89 5.62 -6.53 10.73
N LEU A 90 4.30 -6.47 10.93
CA LEU A 90 3.73 -5.73 12.06
C LEU A 90 3.38 -6.64 13.23
N LYS A 91 3.77 -7.91 13.18
CA LYS A 91 3.55 -8.84 14.28
C LYS A 91 4.86 -9.56 14.58
N ILE A 92 5.04 -9.92 15.85
CA ILE A 92 6.27 -10.58 16.28
C ILE A 92 6.47 -11.88 15.53
N TYR A 93 7.71 -12.10 15.07
CA TYR A 93 8.06 -13.32 14.35
C TYR A 93 9.48 -13.70 14.73
N LYS A 94 9.92 -14.85 14.22
CA LYS A 94 11.27 -15.37 14.48
C LYS A 94 12.12 -15.21 13.24
N ASP A 95 13.35 -14.70 13.43
CA ASP A 95 14.22 -14.34 12.31
C ASP A 95 14.87 -15.59 11.72
N THR A 96 15.85 -15.38 10.84
CA THR A 96 16.56 -16.50 10.23
C THR A 96 17.32 -17.32 11.27
N GLU A 97 17.77 -16.67 12.34
CA GLU A 97 18.54 -17.35 13.38
C GLU A 97 17.69 -17.70 14.60
N GLY A 98 16.36 -17.62 14.47
CA GLY A 98 15.46 -18.11 15.50
C GLY A 98 15.14 -17.15 16.62
N TYR A 99 15.54 -15.89 16.53
CA TYR A 99 15.29 -14.91 17.57
C TYR A 99 14.06 -14.06 17.24
N TYR A 100 13.36 -13.65 18.28
CA TYR A 100 12.14 -12.87 18.10
C TYR A 100 12.45 -11.51 17.47
N THR A 101 11.58 -11.11 16.53
CA THR A 101 11.81 -9.91 15.73
C THR A 101 10.47 -9.29 15.37
N ILE A 102 10.49 -7.99 15.07
CA ILE A 102 9.30 -7.26 14.63
C ILE A 102 9.77 -6.11 13.74
N GLY A 103 8.83 -5.57 12.95
CA GLY A 103 9.18 -4.48 12.06
C GLY A 103 10.05 -4.95 10.92
N ILE A 104 11.06 -4.14 10.59
CA ILE A 104 12.04 -4.50 9.57
C ILE A 104 13.28 -4.98 10.31
N GLY A 105 13.31 -6.29 10.60
CA GLY A 105 14.49 -6.91 11.18
C GLY A 105 14.93 -6.33 12.52
N HIS A 106 14.00 -5.80 13.30
CA HIS A 106 14.35 -5.23 14.61
C HIS A 106 14.30 -6.34 15.64
N LEU A 107 15.47 -6.80 16.06
CA LEU A 107 15.58 -7.81 17.10
C LEU A 107 14.99 -7.28 18.40
N LEU A 108 14.12 -8.08 19.02
CA LEU A 108 13.52 -7.73 20.31
C LEU A 108 14.29 -8.32 21.49
N THR A 109 14.66 -9.59 21.41
CA THR A 109 15.46 -10.23 22.46
C THR A 109 16.04 -11.53 21.93
N LYS A 110 17.21 -11.90 22.46
CA LYS A 110 17.82 -13.18 22.17
C LYS A 110 17.19 -14.32 22.98
N SER A 111 16.37 -13.99 23.96
CA SER A 111 15.75 -15.00 24.81
C SER A 111 14.68 -15.76 24.04
N PRO A 112 14.53 -17.07 24.32
CA PRO A 112 13.46 -17.85 23.71
C PRO A 112 12.09 -17.60 24.30
N SER A 113 11.98 -16.79 25.35
CA SER A 113 10.70 -16.51 25.98
C SER A 113 9.93 -15.47 25.17
N LEU A 114 8.68 -15.80 24.83
CA LEU A 114 7.85 -14.87 24.07
C LEU A 114 7.46 -13.65 24.90
N ASN A 115 7.12 -13.87 26.18
CA ASN A 115 6.72 -12.75 27.03
C ASN A 115 7.84 -11.75 27.22
N ALA A 116 9.10 -12.22 27.19
CA ALA A 116 10.23 -11.29 27.22
C ALA A 116 10.23 -10.40 25.98
N ALA A 117 9.92 -10.97 24.82
CA ALA A 117 9.87 -10.17 23.60
C ALA A 117 8.78 -9.10 23.67
N LYS A 118 7.61 -9.46 24.19
CA LYS A 118 6.53 -8.47 24.31
C LYS A 118 6.90 -7.36 25.28
N SER A 119 7.59 -7.70 26.38
CA SER A 119 8.00 -6.69 27.34
C SER A 119 8.96 -5.68 26.69
N GLU A 120 9.95 -6.19 25.96
CA GLU A 120 10.87 -5.29 25.25
C GLU A 120 10.14 -4.48 24.19
N LEU A 121 9.20 -5.13 23.48
CA LEU A 121 8.44 -4.42 22.45
C LEU A 121 7.61 -3.29 23.06
N ASP A 122 6.95 -3.57 24.19
CA ASP A 122 6.18 -2.53 24.85
C ASP A 122 7.07 -1.40 25.35
N LYS A 123 8.31 -1.72 25.72
CA LYS A 123 9.24 -0.67 26.13
C LYS A 123 9.64 0.21 24.96
N ALA A 124 9.96 -0.42 23.82
CA ALA A 124 10.42 0.35 22.66
C ALA A 124 9.30 1.18 22.07
N ILE A 125 8.12 0.58 21.87
CA ILE A 125 7.01 1.30 21.27
C ILE A 125 6.48 2.36 22.22
N GLY A 126 6.38 2.03 23.50
CA GLY A 126 5.86 2.95 24.49
C GLY A 126 4.41 2.73 24.88
N ARG A 127 3.83 1.57 24.59
CA ARG A 127 2.46 1.27 24.97
C ARG A 127 2.31 -0.24 25.08
N ASN A 128 1.10 -0.69 25.43
CA ASN A 128 0.78 -2.11 25.51
C ASN A 128 0.37 -2.57 24.11
N THR A 129 1.30 -3.21 23.40
CA THR A 129 1.07 -3.58 22.01
C THR A 129 0.48 -4.98 21.87
N ASN A 130 0.73 -5.87 22.83
CA ASN A 130 0.35 -7.28 22.75
C ASN A 130 0.93 -7.95 21.51
N GLY A 131 2.14 -7.53 21.11
CA GLY A 131 2.84 -8.14 20.01
C GLY A 131 2.50 -7.64 18.62
N VAL A 132 1.64 -6.62 18.51
CA VAL A 132 1.24 -6.08 17.22
C VAL A 132 1.43 -4.56 17.26
N ILE A 133 2.08 -4.02 16.22
CA ILE A 133 2.34 -2.59 16.13
C ILE A 133 1.77 -2.06 14.81
N THR A 134 1.78 -0.75 14.67
CA THR A 134 1.32 -0.09 13.46
C THR A 134 2.50 0.18 12.53
N LYS A 135 2.17 0.54 11.28
CA LYS A 135 3.22 0.84 10.30
C LYS A 135 4.05 2.04 10.73
N ASP A 136 3.39 3.07 11.27
CA ASP A 136 4.12 4.25 11.74
C ASP A 136 5.05 3.89 12.89
N GLU A 137 4.59 3.04 13.81
CA GLU A 137 5.43 2.63 14.93
C GLU A 137 6.65 1.85 14.46
N ALA A 138 6.47 1.00 13.44
CA ALA A 138 7.61 0.29 12.87
C ALA A 138 8.61 1.25 12.25
N GLU A 139 8.13 2.28 11.55
CA GLU A 139 9.03 3.25 10.92
C GLU A 139 9.83 4.01 11.98
N LYS A 140 9.18 4.42 13.07
CA LYS A 140 9.91 5.08 14.15
C LYS A 140 10.94 4.14 14.76
N LEU A 141 10.57 2.88 14.96
CA LEU A 141 11.53 1.89 15.44
C LEU A 141 12.67 1.69 14.45
N PHE A 142 12.35 1.65 13.16
CA PHE A 142 13.38 1.47 12.13
C PHE A 142 14.35 2.65 12.11
N ASN A 143 13.82 3.88 12.20
CA ASN A 143 14.69 5.06 12.16
C ASN A 143 15.60 5.12 13.38
N GLN A 144 15.18 4.52 14.50
CA GLN A 144 16.07 4.41 15.65
C GLN A 144 17.20 3.42 15.35
N ASP A 145 16.91 2.35 14.62
CA ASP A 145 17.96 1.43 14.20
C ASP A 145 18.92 2.09 13.22
N VAL A 146 18.40 2.94 12.33
CA VAL A 146 19.25 3.63 11.36
C VAL A 146 20.25 4.53 12.08
N ASP A 147 19.76 5.28 13.07
CA ASP A 147 20.66 6.15 13.84
C ASP A 147 21.76 5.34 14.52
N ALA A 148 21.41 4.18 15.07
CA ALA A 148 22.41 3.31 15.68
C ALA A 148 23.41 2.81 14.64
N ALA A 149 22.91 2.43 13.45
CA ALA A 149 23.81 1.96 12.40
C ALA A 149 24.76 3.07 11.94
N VAL A 150 24.25 4.29 11.80
CA VAL A 150 25.09 5.41 11.38
C VAL A 150 26.16 5.70 12.43
N ARG A 151 25.79 5.65 13.70
CA ARG A 151 26.78 5.87 14.77
C ARG A 151 27.90 4.85 14.69
N GLY A 152 27.57 3.59 14.45
CA GLY A 152 28.60 2.58 14.28
C GLY A 152 29.46 2.82 13.06
N ILE A 153 28.85 3.25 11.96
CA ILE A 153 29.60 3.54 10.74
C ILE A 153 30.61 4.66 11.00
N LEU A 154 30.17 5.72 11.68
CA LEU A 154 31.07 6.84 11.96
C LEU A 154 32.17 6.47 12.95
N ARG A 155 31.97 5.42 13.74
CA ARG A 155 33.01 4.93 14.64
C ARG A 155 33.95 3.94 13.96
N ASN A 156 33.67 3.56 12.72
CA ASN A 156 34.47 2.58 11.98
C ASN A 156 35.45 3.33 11.08
N ALA A 157 36.75 3.05 11.24
CA ALA A 157 37.77 3.79 10.52
C ALA A 157 37.73 3.53 9.02
N LYS A 158 37.35 2.32 8.61
CA LYS A 158 37.31 2.01 7.18
C LYS A 158 36.10 2.59 6.49
N LEU A 159 34.97 2.73 7.20
CA LEU A 159 33.72 3.14 6.57
C LEU A 159 33.42 4.62 6.72
N LYS A 160 33.88 5.27 7.77
CA LYS A 160 33.54 6.67 8.00
C LYS A 160 33.99 7.61 6.88
N PRO A 161 35.24 7.54 6.39
CA PRO A 161 35.59 8.44 5.27
C PRO A 161 34.73 8.24 4.04
N VAL A 162 34.33 7.01 3.73
CA VAL A 162 33.45 6.78 2.60
C VAL A 162 32.07 7.38 2.86
N TYR A 163 31.54 7.17 4.08
CA TYR A 163 30.21 7.67 4.41
C TYR A 163 30.15 9.19 4.32
N ASP A 164 31.18 9.87 4.82
CA ASP A 164 31.20 11.33 4.78
C ASP A 164 31.18 11.85 3.36
N SER A 165 31.86 11.15 2.45
CA SER A 165 31.95 11.60 1.06
C SER A 165 30.65 11.36 0.28
N LEU A 166 29.81 10.42 0.73
CA LEU A 166 28.65 10.03 -0.05
C LEU A 166 27.50 11.01 0.12
N ASP A 167 26.73 11.18 -0.96
CA ASP A 167 25.51 11.98 -0.92
C ASP A 167 24.43 11.21 -0.16
N ALA A 168 23.27 11.86 0.01
CA ALA A 168 22.21 11.30 0.83
C ALA A 168 21.70 9.98 0.27
N VAL A 169 21.45 9.92 -1.04
CA VAL A 169 20.88 8.72 -1.63
C VAL A 169 21.88 7.56 -1.54
N ARG A 170 23.14 7.82 -1.88
CA ARG A 170 24.14 6.76 -1.83
C ARG A 170 24.46 6.35 -0.40
N ARG A 171 24.26 7.24 0.57
CA ARG A 171 24.44 6.84 1.97
C ARG A 171 23.41 5.77 2.36
N ALA A 172 22.18 5.90 1.87
CA ALA A 172 21.17 4.89 2.13
C ALA A 172 21.60 3.54 1.57
N ALA A 173 22.22 3.54 0.39
CA ALA A 173 22.74 2.29 -0.17
C ALA A 173 23.82 1.68 0.71
N LEU A 174 24.73 2.51 1.23
CA LEU A 174 25.76 2.00 2.12
C LEU A 174 25.17 1.47 3.42
N ILE A 175 24.21 2.20 3.98
CA ILE A 175 23.51 1.74 5.19
C ILE A 175 22.78 0.44 4.91
N ASN A 176 22.17 0.31 3.73
CA ASN A 176 21.49 -0.92 3.34
C ASN A 176 22.44 -2.11 3.44
N MET A 177 23.66 -1.95 2.91
CA MET A 177 24.63 -3.04 2.98
C MET A 177 24.99 -3.36 4.42
N VAL A 178 25.11 -2.35 5.28
CA VAL A 178 25.47 -2.57 6.68
C VAL A 178 24.38 -3.38 7.38
N PHE A 179 23.11 -3.06 7.13
CA PHE A 179 22.02 -3.82 7.72
C PHE A 179 22.09 -5.29 7.33
N GLN A 180 22.37 -5.57 6.06
CA GLN A 180 22.33 -6.94 5.56
C GLN A 180 23.52 -7.76 6.01
N MET A 181 24.72 -7.20 5.98
CA MET A 181 25.93 -7.98 6.21
C MET A 181 26.82 -7.46 7.32
N GLY A 182 26.46 -6.36 7.97
CA GLY A 182 27.26 -5.83 9.06
C GLY A 182 28.43 -5.00 8.58
N GLU A 183 29.03 -4.27 9.54
CA GLU A 183 30.15 -3.38 9.21
C GLU A 183 31.33 -4.15 8.66
N THR A 184 31.65 -5.30 9.26
CA THR A 184 32.78 -6.09 8.82
C THR A 184 32.60 -6.56 7.38
N GLY A 185 31.39 -7.01 7.04
CA GLY A 185 31.15 -7.46 5.67
C GLY A 185 31.30 -6.34 4.66
N VAL A 186 30.76 -5.16 4.96
CA VAL A 186 30.91 -4.02 4.06
C VAL A 186 32.38 -3.62 3.95
N ALA A 187 33.11 -3.68 5.05
CA ALA A 187 34.52 -3.30 5.05
C ALA A 187 35.35 -4.19 4.13
N GLY A 188 34.86 -5.38 3.78
CA GLY A 188 35.61 -6.27 2.90
C GLY A 188 35.59 -5.86 1.44
N PHE A 189 34.71 -4.94 1.06
CA PHE A 189 34.67 -4.43 -0.32
C PHE A 189 35.70 -3.31 -0.45
N THR A 190 36.98 -3.70 -0.38
CA THR A 190 38.06 -2.74 -0.21
C THR A 190 38.15 -1.79 -1.41
N ASN A 191 38.24 -2.34 -2.63
CA ASN A 191 38.40 -1.48 -3.80
C ASN A 191 37.13 -0.68 -4.07
N SER A 192 35.96 -1.29 -3.87
CA SER A 192 34.71 -0.57 -4.12
C SER A 192 34.56 0.64 -3.19
N LEU A 193 34.94 0.48 -1.92
CA LEU A 193 34.86 1.59 -0.99
C LEU A 193 35.77 2.74 -1.43
N ARG A 194 36.98 2.43 -1.88
CA ARG A 194 37.88 3.46 -2.36
C ARG A 194 37.32 4.15 -3.60
N MET A 195 36.75 3.37 -4.53
CA MET A 195 36.17 3.94 -5.73
C MET A 195 34.98 4.83 -5.39
N LEU A 196 34.12 4.39 -4.46
CA LEU A 196 32.99 5.20 -4.04
C LEU A 196 33.45 6.53 -3.46
N GLN A 197 34.49 6.50 -2.63
CA GLN A 197 35.03 7.74 -2.07
C GLN A 197 35.59 8.66 -3.15
N GLN A 198 36.07 8.10 -4.25
CA GLN A 198 36.54 8.88 -5.39
C GLN A 198 35.43 9.18 -6.39
N LYS A 199 34.20 8.76 -6.11
CA LYS A 199 33.04 8.98 -6.99
C LYS A 199 33.22 8.29 -8.34
N ARG A 200 34.02 7.23 -8.38
CA ARG A 200 34.14 6.38 -9.57
C ARG A 200 33.11 5.26 -9.45
N TRP A 201 31.87 5.60 -9.80
CA TRP A 201 30.73 4.75 -9.50
C TRP A 201 30.78 3.43 -10.27
N ASP A 202 31.03 3.49 -11.57
CA ASP A 202 31.02 2.28 -12.39
C ASP A 202 32.12 1.32 -11.94
N GLU A 203 33.31 1.84 -11.65
CA GLU A 203 34.39 0.97 -11.18
C GLU A 203 34.06 0.36 -9.83
N ALA A 204 33.37 1.11 -8.97
CA ALA A 204 32.92 0.54 -7.69
C ALA A 204 31.91 -0.58 -7.92
N ALA A 205 31.00 -0.38 -8.88
CA ALA A 205 29.98 -1.39 -9.16
C ALA A 205 30.58 -2.70 -9.63
N VAL A 206 31.69 -2.64 -10.38
CA VAL A 206 32.30 -3.85 -10.91
C VAL A 206 32.69 -4.80 -9.78
N ASN A 207 33.38 -4.27 -8.76
CA ASN A 207 33.82 -5.12 -7.65
C ASN A 207 32.75 -5.34 -6.60
N LEU A 208 31.67 -4.56 -6.63
CA LEU A 208 30.52 -4.90 -5.79
C LEU A 208 29.81 -6.15 -6.31
N ALA A 209 29.82 -6.36 -7.63
CA ALA A 209 29.19 -7.53 -8.22
C ALA A 209 30.04 -8.79 -8.15
N LYS A 210 31.31 -8.66 -7.79
CA LYS A 210 32.19 -9.83 -7.62
C LYS A 210 32.28 -10.14 -6.13
N SER A 211 31.23 -10.77 -5.61
CA SER A 211 31.16 -11.05 -4.18
C SER A 211 30.15 -12.15 -3.90
N ARG A 212 30.21 -12.68 -2.69
CA ARG A 212 29.18 -13.59 -2.21
C ARG A 212 27.83 -12.89 -2.12
N TRP A 213 27.85 -11.61 -1.73
CA TRP A 213 26.63 -10.82 -1.59
C TRP A 213 25.86 -10.78 -2.91
N TYR A 214 26.56 -10.48 -4.01
CA TYR A 214 25.89 -10.41 -5.30
C TYR A 214 25.36 -11.77 -5.73
N ASN A 215 26.10 -12.84 -5.41
CA ASN A 215 25.68 -14.17 -5.84
C ASN A 215 24.54 -14.72 -4.99
N GLN A 216 24.51 -14.38 -3.69
CA GLN A 216 23.51 -14.95 -2.80
C GLN A 216 22.17 -14.22 -2.88
N THR A 217 22.19 -12.90 -2.99
CA THR A 217 20.98 -12.08 -3.06
C THR A 217 21.09 -11.14 -4.25
N PRO A 218 21.08 -11.68 -5.48
CA PRO A 218 21.35 -10.82 -6.66
C PRO A 218 20.34 -9.71 -6.87
N ASN A 219 19.05 -9.95 -6.60
CA ASN A 219 18.05 -8.93 -6.86
C ASN A 219 18.26 -7.71 -5.96
N ARG A 220 18.42 -7.95 -4.66
CA ARG A 220 18.66 -6.83 -3.73
C ARG A 220 20.00 -6.16 -4.03
N ALA A 221 21.03 -6.95 -4.31
CA ALA A 221 22.35 -6.38 -4.58
C ALA A 221 22.33 -5.52 -5.83
N LYS A 222 21.63 -5.96 -6.87
CA LYS A 222 21.59 -5.20 -8.12
C LYS A 222 20.93 -3.84 -7.90
N ARG A 223 19.86 -3.80 -7.10
CA ARG A 223 19.23 -2.53 -6.78
C ARG A 223 20.18 -1.62 -6.01
N VAL A 224 20.90 -2.17 -5.03
CA VAL A 224 21.83 -1.38 -4.23
C VAL A 224 22.98 -0.88 -5.10
N ILE A 225 23.53 -1.76 -5.93
CA ILE A 225 24.64 -1.40 -6.81
C ILE A 225 24.20 -0.34 -7.82
N THR A 226 23.00 -0.51 -8.40
CA THR A 226 22.49 0.49 -9.32
C THR A 226 22.31 1.84 -8.63
N THR A 227 21.89 1.82 -7.36
CA THR A 227 21.77 3.07 -6.61
C THR A 227 23.11 3.76 -6.47
N PHE A 228 24.18 3.00 -6.24
CA PHE A 228 25.52 3.57 -6.20
C PHE A 228 25.90 4.18 -7.55
N ARG A 229 25.51 3.53 -8.64
CA ARG A 229 25.87 4.02 -9.96
C ARG A 229 25.19 5.34 -10.29
N THR A 230 23.88 5.43 -10.04
CA THR A 230 23.10 6.58 -10.47
C THR A 230 22.95 7.64 -9.39
N GLY A 231 22.94 7.27 -8.12
CA GLY A 231 22.63 8.22 -7.08
C GLY A 231 21.16 8.59 -6.97
N THR A 232 20.29 7.83 -7.62
CA THR A 232 18.85 8.07 -7.62
C THR A 232 18.14 6.86 -7.02
N TRP A 233 16.81 6.97 -6.91
CA TRP A 233 15.97 5.90 -6.40
C TRP A 233 15.32 5.09 -7.53
N ASP A 234 15.77 5.26 -8.77
CA ASP A 234 15.09 4.66 -9.91
C ASP A 234 15.03 3.13 -9.81
N ALA A 235 16.00 2.51 -9.13
CA ALA A 235 16.01 1.07 -9.01
C ALA A 235 14.88 0.53 -8.14
N TYR A 236 14.23 1.38 -7.34
CA TYR A 236 13.14 0.96 -6.46
C TYR A 236 11.78 1.44 -6.95
N LYS A 237 11.70 2.02 -8.14
CA LYS A 237 10.45 2.54 -8.66
C LYS A 237 9.73 1.49 -9.50
N ASN A 238 8.39 1.49 -9.39
CA ASN A 238 7.52 0.69 -10.24
C ASN A 238 7.85 -0.80 -10.17
N LEU A 239 8.18 -1.28 -8.96
CA LEU A 239 8.30 -2.71 -8.74
C LEU A 239 6.95 -3.37 -8.50
N GLY A 240 5.91 -2.59 -8.22
CA GLY A 240 4.56 -3.13 -8.07
C GLY A 240 4.42 -4.18 -6.98
N ARG A 241 5.28 -4.13 -5.96
CA ARG A 241 5.34 -5.09 -4.88
C ARG A 241 5.56 -6.51 -5.37
N GLY A 242 5.97 -6.68 -6.63
CA GLY A 242 6.14 -7.99 -7.20
C GLY A 242 4.87 -8.63 -7.73
N CYS A 243 3.70 -8.03 -7.49
CA CYS A 243 2.45 -8.63 -7.92
C CYS A 243 1.45 -7.65 -8.53
N LEU A 244 1.73 -6.34 -8.53
CA LEU A 244 0.79 -5.35 -9.02
C LEU A 244 1.31 -4.72 -10.31
N ILE A 245 0.39 -4.31 -11.17
CA ILE A 245 0.78 -3.52 -12.33
C ILE A 245 1.22 -2.14 -11.87
N PRO A 246 2.42 -1.68 -12.23
CA PRO A 246 2.90 -0.41 -11.70
C PRO A 246 2.04 0.77 -12.15
N ASN A 247 1.91 1.74 -11.23
CA ASN A 247 1.33 3.05 -11.54
C ASN A 247 -0.08 2.93 -12.14
N GLN A 248 -0.90 2.06 -11.56
CA GLN A 248 -2.30 1.94 -11.96
C GLN A 248 -3.20 1.98 -10.74
N GLY A 249 -2.82 2.77 -9.75
CA GLY A 249 -3.65 2.91 -8.56
C GLY A 249 -5.01 3.50 -8.87
N TYR A 250 -5.07 4.44 -9.82
CA TYR A 250 -6.33 5.09 -10.13
C TYR A 250 -7.35 4.10 -10.67
N LEU A 251 -6.90 3.11 -11.45
CA LEU A 251 -7.80 2.06 -11.92
C LEU A 251 -8.17 1.10 -10.78
N SER A 252 -7.25 0.84 -9.86
CA SER A 252 -7.58 0.02 -8.70
C SER A 252 -8.63 0.70 -7.82
N GLU A 253 -8.48 2.02 -7.62
CA GLU A 253 -9.48 2.77 -6.85
C GLU A 253 -10.85 2.69 -7.50
N ALA A 254 -10.91 2.89 -8.82
CA ALA A 254 -12.20 2.82 -9.52
C ALA A 254 -12.71 1.38 -9.59
N GLY A 255 -11.80 0.41 -9.68
CA GLY A 255 -12.24 -0.98 -9.72
C GLY A 255 -12.86 -1.43 -8.41
N ALA A 256 -12.34 -0.94 -7.28
CA ALA A 256 -12.88 -1.34 -5.98
C ALA A 256 -14.33 -0.92 -5.84
N TYR A 257 -14.66 0.31 -6.24
CA TYR A 257 -16.05 0.74 -6.23
C TYR A 257 -16.89 -0.08 -7.19
N LEU A 258 -16.33 -0.41 -8.36
CA LEU A 258 -17.07 -1.19 -9.34
C LEU A 258 -17.47 -2.56 -8.77
N VAL A 259 -16.54 -3.22 -8.07
CA VAL A 259 -16.86 -4.47 -7.39
C VAL A 259 -17.89 -4.23 -6.29
N ASP A 260 -17.71 -3.15 -5.52
CA ASP A 260 -18.65 -2.81 -4.46
C ASP A 260 -20.06 -2.62 -5.01
N ASN A 261 -20.19 -1.88 -6.11
CA ASN A 261 -21.52 -1.53 -6.61
C ASN A 261 -22.23 -2.75 -7.16
N LYS A 262 -21.51 -3.68 -7.79
CA LYS A 262 -22.14 -4.88 -8.32
C LYS A 262 -22.73 -5.73 -7.20
N LEU A 263 -22.04 -5.84 -6.08
CA LEU A 263 -22.49 -6.62 -4.93
C LEU A 263 -23.29 -5.79 -3.93
N HIS A 264 -23.48 -4.49 -4.19
CA HIS A 264 -24.21 -3.59 -3.29
C HIS A 264 -23.63 -3.63 -1.88
N LEU A 265 -22.30 -3.58 -1.78
CA LEU A 265 -21.66 -3.53 -0.47
C LEU A 265 -21.85 -2.17 0.19
N SER A 266 -21.79 -1.10 -0.61
CA SER A 266 -22.02 0.27 -0.15
C SER A 266 -21.06 0.67 0.97
N ILE A 267 -19.80 0.27 0.85
CA ILE A 267 -18.74 0.73 1.74
C ILE A 267 -17.68 1.55 1.02
N VAL A 268 -17.65 1.52 -0.30
CA VAL A 268 -16.71 2.34 -1.08
C VAL A 268 -17.50 3.51 -1.65
N PRO A 269 -17.14 4.75 -1.31
CA PRO A 269 -17.80 5.90 -1.94
C PRO A 269 -17.57 5.89 -3.44
N LYS A 270 -18.54 6.44 -4.17
CA LYS A 270 -18.48 6.48 -5.63
C LYS A 270 -17.12 6.97 -6.10
N THR A 271 -16.45 6.13 -6.90
CA THR A 271 -15.13 6.44 -7.42
C THR A 271 -15.13 6.18 -8.92
N LYS A 272 -14.70 7.17 -9.68
CA LYS A 272 -14.69 7.08 -11.13
C LYS A 272 -13.38 7.64 -11.67
N VAL A 273 -13.00 7.19 -12.85
CA VAL A 273 -11.86 7.75 -13.56
C VAL A 273 -12.32 8.99 -14.30
N VAL A 274 -11.70 10.13 -14.01
CA VAL A 274 -12.06 11.42 -14.60
C VAL A 274 -10.78 12.17 -14.96
N TRP A 275 -10.95 13.30 -15.64
CA TRP A 275 -9.86 14.19 -16.00
C TRP A 275 -10.10 15.56 -15.36
N LEU A 276 -9.01 16.21 -14.95
CA LEU A 276 -9.10 17.52 -14.35
C LEU A 276 -7.88 18.35 -14.72
N VAL A 277 -8.09 19.66 -14.88
CA VAL A 277 -7.03 20.63 -15.12
C VAL A 277 -6.98 21.56 -13.91
N SER A 278 -5.78 21.72 -13.33
CA SER A 278 -5.63 22.60 -12.18
C SER A 278 -4.16 22.97 -12.05
N GLU A 279 -3.89 24.26 -11.86
CA GLU A 279 -2.51 24.71 -11.68
C GLU A 279 -1.90 24.20 -10.39
N THR A 280 -2.72 23.77 -9.42
CA THR A 280 -2.20 23.21 -8.18
C THR A 280 -1.65 21.81 -8.35
N PHE A 281 -1.92 21.15 -9.48
CA PHE A 281 -1.27 19.88 -9.77
C PHE A 281 0.20 20.10 -10.09
N ASN A 282 0.96 19.02 -10.05
CA ASN A 282 2.39 19.09 -10.35
C ASN A 282 2.60 18.78 -11.83
N TYR A 283 2.89 19.82 -12.61
CA TYR A 283 3.18 19.70 -14.03
C TYR A 283 4.66 19.92 -14.27
N ASN A 284 5.17 19.33 -15.34
CA ASN A 284 6.55 19.58 -15.73
C ASN A 284 6.69 21.00 -16.30
N ALA A 285 7.94 21.41 -16.52
CA ALA A 285 8.22 22.79 -16.91
C ALA A 285 7.57 23.13 -18.26
N ILE A 286 7.58 22.18 -19.20
CA ILE A 286 7.05 22.44 -20.53
C ILE A 286 5.56 22.78 -20.47
N ASP A 287 4.78 21.93 -19.78
CA ASP A 287 3.33 22.11 -19.75
C ASP A 287 2.94 23.43 -19.11
N ARG A 288 3.62 23.80 -18.03
CA ARG A 288 3.23 25.00 -17.28
C ARG A 288 3.43 26.27 -18.11
N ALA A 289 4.51 26.33 -18.89
CA ALA A 289 4.74 27.48 -19.75
C ALA A 289 3.69 27.61 -20.83
N LYS A 290 2.94 26.55 -21.10
CA LYS A 290 1.85 26.57 -22.08
C LYS A 290 0.55 26.98 -21.43
N GLY A 312 -4.58 26.23 -20.47
CA GLY A 312 -3.57 25.73 -21.39
C GLY A 312 -2.80 24.53 -20.86
N LEU A 313 -3.07 24.18 -19.59
CA LEU A 313 -2.45 23.01 -18.99
C LEU A 313 -3.14 21.74 -19.48
N PRO A 314 -2.39 20.67 -19.75
CA PRO A 314 -3.00 19.40 -20.15
C PRO A 314 -3.77 18.80 -18.99
N PRO A 315 -4.90 18.14 -19.27
CA PRO A 315 -5.65 17.47 -18.20
C PRO A 315 -4.89 16.28 -17.64
N LYS A 316 -5.14 16.02 -16.36
CA LYS A 316 -4.56 14.87 -15.66
C LYS A 316 -5.65 13.83 -15.43
N ILE A 317 -5.35 12.58 -15.74
CA ILE A 317 -6.28 11.49 -15.49
C ILE A 317 -6.02 10.96 -14.09
N GLY A 318 -7.09 10.53 -13.42
CA GLY A 318 -6.96 10.02 -12.06
C GLY A 318 -8.30 9.58 -11.53
N SER A 319 -8.28 9.13 -10.27
CA SER A 319 -9.49 8.66 -9.62
C SER A 319 -10.11 9.78 -8.80
N PHE A 320 -11.44 9.89 -8.89
CA PHE A 320 -12.21 10.88 -8.15
C PHE A 320 -13.18 10.14 -7.24
N GLN A 321 -13.03 10.33 -5.94
CA GLN A 321 -13.84 9.65 -4.94
C GLN A 321 -14.63 10.68 -4.14
N LEU A 322 -15.92 10.42 -3.95
CA LEU A 322 -16.79 11.34 -3.23
C LEU A 322 -16.33 11.47 -1.78
N PHE A 323 -16.54 12.67 -1.23
CA PHE A 323 -16.08 13.00 0.12
C PHE A 323 -17.08 12.47 1.16
N VAL A 324 -16.54 11.82 2.19
CA VAL A 324 -17.35 11.40 3.34
C VAL A 324 -16.96 12.27 4.54
N GLU A 325 -17.78 12.19 5.59
CA GLU A 325 -17.58 13.05 6.76
C GLU A 325 -17.88 12.28 8.03
N GLY A 326 -17.16 12.64 9.10
CA GLY A 326 -17.38 12.07 10.41
C GLY A 326 -16.63 10.80 10.72
N TYR A 327 -15.73 10.37 9.84
CA TYR A 327 -15.04 9.10 9.99
C TYR A 327 -13.68 9.30 10.67
N LYS A 328 -13.15 8.19 11.19
CA LYS A 328 -11.84 8.14 11.78
C LYS A 328 -11.20 6.81 11.43
N GLU A 329 -9.88 6.73 11.62
CA GLU A 329 -9.17 5.49 11.37
C GLU A 329 -9.75 4.37 12.23
N ALA A 330 -9.88 3.19 11.63
CA ALA A 330 -10.44 2.05 12.36
C ALA A 330 -9.61 1.72 13.60
N GLU A 331 -8.30 1.95 13.53
CA GLU A 331 -7.45 1.72 14.70
C GLU A 331 -7.93 2.54 15.90
N TYR A 332 -8.42 3.75 15.65
CA TYR A 332 -8.92 4.59 16.74
C TYR A 332 -10.14 3.97 17.40
N TRP A 333 -11.12 3.53 16.60
CA TRP A 333 -12.34 2.98 17.17
C TRP A 333 -12.16 1.56 17.69
N LEU A 334 -11.28 0.77 17.07
CA LEU A 334 -11.06 -0.60 17.53
C LEU A 334 -10.49 -0.62 18.94
N ARG A 335 -9.54 0.26 19.23
CA ARG A 335 -8.97 0.33 20.58
C ARG A 335 -10.02 0.76 21.59
N LYS A 336 -10.89 1.71 21.20
CA LYS A 336 -11.97 2.14 22.09
C LYS A 336 -12.89 0.97 22.43
N PHE A 337 -13.26 0.18 21.42
CA PHE A 337 -14.21 -0.90 21.63
C PHE A 337 -13.61 -2.03 22.46
N GLU A 338 -12.28 -2.19 22.41
CA GLU A 338 -11.66 -3.23 23.23
C GLU A 338 -11.78 -2.89 24.72
N ALA A 339 -11.54 -1.64 25.09
CA ALA A 339 -11.71 -1.21 26.48
C ALA A 339 -13.16 -0.90 26.82
N ASP A 340 -13.98 -0.55 25.83
CA ASP A 340 -15.38 -0.22 26.05
C ASP A 340 -16.22 -0.93 24.97
N PRO A 341 -16.58 -2.19 25.22
CA PRO A 341 -17.28 -2.97 24.19
C PRO A 341 -18.60 -2.33 23.78
N LEU A 342 -18.91 -2.46 22.50
CA LEU A 342 -20.12 -1.89 21.96
C LEU A 342 -21.35 -2.62 22.50
N PRO A 343 -22.50 -1.95 22.56
CA PRO A 343 -23.75 -2.65 22.86
C PRO A 343 -24.06 -3.66 21.76
N GLU A 344 -24.84 -4.69 22.12
CA GLU A 344 -24.99 -5.84 21.25
C GLU A 344 -25.59 -5.44 19.89
N ASN A 345 -26.60 -4.58 19.90
CA ASN A 345 -27.23 -4.17 18.65
C ASN A 345 -26.24 -3.43 17.74
N ILE A 346 -25.42 -2.55 18.33
CA ILE A 346 -24.43 -1.83 17.54
C ILE A 346 -23.32 -2.77 17.09
N ARG A 347 -22.92 -3.69 17.96
CA ARG A 347 -21.88 -4.65 17.60
C ARG A 347 -22.32 -5.50 16.42
N LYS A 348 -23.60 -5.88 16.37
CA LYS A 348 -24.11 -6.62 15.22
C LYS A 348 -23.99 -5.80 13.95
N GLN A 349 -24.36 -4.52 14.01
CA GLN A 349 -24.25 -3.66 12.84
C GLN A 349 -22.80 -3.51 12.39
N PHE A 350 -21.88 -3.37 13.35
CA PHE A 350 -20.47 -3.23 13.00
C PHE A 350 -19.93 -4.48 12.34
N GLN A 351 -20.36 -5.66 12.82
CA GLN A 351 -19.88 -6.91 12.25
C GLN A 351 -20.34 -7.06 10.80
N SER A 352 -21.59 -6.72 10.52
CA SER A 352 -22.09 -6.79 9.15
C SER A 352 -21.33 -5.85 8.23
N GLN A 353 -21.02 -4.64 8.72
CA GLN A 353 -20.16 -3.74 7.96
C GLN A 353 -18.77 -4.33 7.78
N PHE A 354 -18.23 -4.95 8.83
CA PHE A 354 -16.92 -5.57 8.74
C PHE A 354 -16.91 -6.71 7.71
N GLU A 355 -17.99 -7.48 7.65
CA GLU A 355 -18.07 -8.56 6.68
C GLU A 355 -18.02 -8.03 5.25
N ARG A 356 -18.68 -6.90 5.00
CA ARG A 356 -18.63 -6.29 3.67
C ARG A 356 -17.22 -5.85 3.31
N LEU A 357 -16.47 -5.34 4.29
CA LEU A 357 -15.08 -5.01 4.05
C LEU A 357 -14.26 -6.24 3.70
N VAL A 358 -14.50 -7.35 4.42
CA VAL A 358 -13.76 -8.58 4.17
C VAL A 358 -14.00 -9.08 2.76
N ILE A 359 -15.27 -9.06 2.33
CA ILE A 359 -15.61 -9.57 1.01
C ILE A 359 -15.02 -8.68 -0.08
N LEU A 360 -15.07 -7.36 0.11
CA LEU A 360 -14.48 -6.46 -0.86
C LEU A 360 -12.99 -6.68 -1.00
N ASP A 361 -12.27 -6.72 0.12
CA ASP A 361 -10.82 -6.87 0.07
C ASP A 361 -10.40 -8.22 -0.50
N TYR A 362 -11.15 -9.27 -0.18
CA TYR A 362 -10.75 -10.61 -0.62
C TYR A 362 -10.93 -10.77 -2.12
N ILE A 363 -12.05 -10.30 -2.66
CA ILE A 363 -12.32 -10.47 -4.10
C ILE A 363 -11.27 -9.73 -4.92
N ILE A 364 -10.96 -8.49 -4.55
CA ILE A 364 -9.97 -7.71 -5.28
C ILE A 364 -8.55 -8.01 -4.84
N ARG A 365 -8.36 -8.83 -3.81
CA ARG A 365 -7.05 -9.14 -3.25
C ARG A 365 -6.28 -7.86 -2.95
N ASN A 366 -6.85 -7.06 -2.04
CA ASN A 366 -6.17 -5.86 -1.56
C ASN A 366 -4.89 -6.26 -0.85
N THR A 367 -3.79 -5.62 -1.23
CA THR A 367 -2.49 -5.95 -0.64
C THR A 367 -2.07 -4.99 0.45
N ASP A 368 -2.82 -3.90 0.67
CA ASP A 368 -2.39 -2.85 1.58
C ASP A 368 -3.56 -2.35 2.41
N ARG A 369 -4.39 -3.26 2.92
CA ARG A 369 -5.44 -2.86 3.86
C ARG A 369 -4.92 -3.03 5.27
N GLY A 370 -4.38 -1.95 5.83
CA GLY A 370 -4.07 -1.92 7.25
C GLY A 370 -5.25 -1.46 8.07
N ASN A 371 -5.14 -1.63 9.38
CA ASN A 371 -6.24 -1.20 10.23
C ASN A 371 -6.35 0.32 10.33
N ASP A 372 -5.53 1.04 9.56
CA ASP A 372 -5.66 2.48 9.41
C ASP A 372 -6.19 2.89 8.04
N ASN A 373 -6.17 1.99 7.06
CA ASN A 373 -6.61 2.30 5.70
C ASN A 373 -8.12 2.16 5.52
N TRP A 374 -8.84 1.67 6.52
CA TRP A 374 -10.29 1.67 6.48
C TRP A 374 -10.83 2.49 7.65
N LEU A 375 -11.96 3.15 7.42
CA LEU A 375 -12.48 4.16 8.34
C LEU A 375 -13.79 3.71 8.96
N VAL A 376 -14.03 4.16 10.18
CA VAL A 376 -15.25 3.87 10.92
C VAL A 376 -15.86 5.17 11.42
N ARG A 377 -17.18 5.29 11.30
CA ARG A 377 -17.93 6.43 11.81
C ARG A 377 -18.86 5.95 12.91
N TYR A 378 -18.79 6.58 14.07
CA TYR A 378 -19.61 6.17 15.20
C TYR A 378 -19.95 7.37 16.10
N PHE A 400 -28.12 3.84 9.97
CA PHE A 400 -26.81 3.37 10.41
C PHE A 400 -26.33 4.11 11.64
N LEU A 401 -26.17 3.38 12.75
CA LEU A 401 -25.52 3.92 13.94
C LEU A 401 -24.01 3.72 13.92
N ILE A 402 -23.50 2.88 13.02
CA ILE A 402 -22.06 2.73 12.82
C ILE A 402 -21.83 2.33 11.37
N LYS A 403 -20.85 2.95 10.73
CA LYS A 403 -20.63 2.79 9.30
C LYS A 403 -19.14 2.64 9.00
N ILE A 404 -18.83 1.82 8.00
CA ILE A 404 -17.47 1.63 7.51
C ILE A 404 -17.37 2.27 6.13
N ALA A 405 -16.29 3.01 5.91
CA ALA A 405 -15.98 3.56 4.60
C ALA A 405 -14.63 3.02 4.15
N ALA A 406 -14.60 2.33 3.02
CA ALA A 406 -13.37 1.77 2.47
C ALA A 406 -12.77 2.78 1.50
N ILE A 407 -11.59 3.28 1.85
CA ILE A 407 -10.85 4.25 1.05
C ILE A 407 -9.45 3.69 0.81
N ASP A 408 -8.63 4.48 0.11
CA ASP A 408 -7.27 4.09 -0.25
C ASP A 408 -7.23 2.72 -0.92
N ASN A 409 -8.08 2.55 -1.93
CA ASN A 409 -8.18 1.28 -2.63
C ASN A 409 -7.29 1.26 -3.87
N GLY A 410 -6.01 1.64 -3.73
CA GLY A 410 -5.17 1.81 -4.89
C GLY A 410 -4.18 0.68 -5.14
N LEU A 411 -4.11 -0.27 -4.21
CA LEU A 411 -3.09 -1.31 -4.29
C LEU A 411 -3.74 -2.69 -4.33
N ALA A 412 -4.75 -2.84 -5.17
CA ALA A 412 -5.47 -4.10 -5.32
C ALA A 412 -5.35 -4.60 -6.76
N PHE A 413 -6.08 -5.69 -7.05
CA PHE A 413 -6.12 -6.38 -8.33
C PHE A 413 -4.73 -6.83 -8.79
N PRO A 414 -4.02 -7.65 -8.01
CA PRO A 414 -2.72 -8.14 -8.48
C PRO A 414 -2.88 -9.13 -9.63
N PHE A 415 -1.85 -9.20 -10.47
CA PHE A 415 -1.86 -10.19 -11.55
C PHE A 415 -1.39 -11.56 -11.09
N LYS A 416 -0.95 -11.69 -9.85
CA LYS A 416 -0.54 -12.96 -9.28
C LYS A 416 -0.74 -12.91 -7.78
N HIS A 417 -0.91 -14.07 -7.17
CA HIS A 417 -0.93 -14.14 -5.72
C HIS A 417 0.48 -13.88 -5.20
N PRO A 418 0.62 -13.09 -4.12
CA PRO A 418 1.96 -12.83 -3.58
C PRO A 418 2.66 -14.12 -3.18
N ASP A 419 3.96 -14.18 -3.45
CA ASP A 419 4.74 -15.35 -3.07
C ASP A 419 4.75 -15.54 -1.57
N GLU A 420 4.90 -14.44 -0.82
CA GLU A 420 4.89 -14.47 0.64
C GLU A 420 3.52 -13.98 1.10
N TRP A 421 2.68 -14.92 1.56
CA TRP A 421 1.41 -14.54 2.15
C TRP A 421 1.59 -13.71 3.41
N ARG A 422 2.74 -13.84 4.08
CA ARG A 422 3.05 -13.02 5.25
C ARG A 422 3.49 -11.61 4.86
N ALA A 423 3.88 -11.39 3.61
CA ALA A 423 4.36 -10.08 3.20
C ALA A 423 3.23 -9.07 3.08
N TYR A 424 2.09 -9.50 2.54
CA TYR A 424 0.93 -8.62 2.34
C TYR A 424 -0.33 -9.30 2.87
N PRO A 425 -0.44 -9.47 4.18
CA PRO A 425 -1.63 -10.11 4.74
C PRO A 425 -2.80 -9.13 4.85
N PHE A 426 -3.98 -9.69 5.01
CA PHE A 426 -5.17 -8.91 5.31
C PHE A 426 -5.16 -8.60 6.79
N HIS A 427 -4.76 -7.37 7.14
CA HIS A 427 -4.50 -7.05 8.54
C HIS A 427 -5.76 -7.08 9.40
N TRP A 428 -6.95 -7.00 8.79
CA TRP A 428 -8.15 -7.18 9.60
C TRP A 428 -8.36 -8.62 10.03
N ALA A 429 -7.58 -9.58 9.48
CA ALA A 429 -7.69 -10.95 9.91
C ALA A 429 -7.07 -11.19 11.27
N TRP A 430 -6.25 -10.25 11.77
CA TRP A 430 -5.65 -10.37 13.09
C TRP A 430 -6.57 -9.87 14.19
N LEU A 431 -7.71 -9.28 13.84
CA LEU A 431 -8.66 -8.80 14.82
C LEU A 431 -9.53 -9.95 15.33
N PRO A 432 -9.99 -9.86 16.59
CA PRO A 432 -10.87 -10.92 17.12
C PRO A 432 -12.16 -11.08 16.34
N GLN A 433 -12.69 -10.00 15.77
CA GLN A 433 -13.92 -10.08 15.00
C GLN A 433 -13.79 -10.95 13.76
N ALA A 434 -12.57 -11.14 13.26
CA ALA A 434 -12.38 -11.95 12.07
C ALA A 434 -12.71 -13.42 12.29
N LYS A 435 -12.81 -13.87 13.54
CA LYS A 435 -13.14 -15.26 13.83
C LYS A 435 -14.65 -15.50 13.95
N VAL A 436 -15.46 -14.44 13.92
CA VAL A 436 -16.91 -14.62 13.91
C VAL A 436 -17.35 -15.16 12.55
N PRO A 437 -18.10 -16.26 12.50
CA PRO A 437 -18.53 -16.79 11.20
C PRO A 437 -19.39 -15.79 10.44
N PHE A 438 -19.31 -15.86 9.11
CA PHE A 438 -20.11 -14.98 8.27
C PHE A 438 -21.59 -15.13 8.62
N SER A 439 -22.26 -14.01 8.79
CA SER A 439 -23.67 -14.02 9.15
C SER A 439 -24.50 -14.62 8.03
N GLU A 440 -25.67 -15.15 8.40
CA GLU A 440 -26.59 -15.63 7.38
C GLU A 440 -27.01 -14.51 6.44
N GLU A 441 -27.01 -13.27 6.94
CA GLU A 441 -27.40 -12.13 6.11
C GLU A 441 -26.43 -11.94 4.94
N ILE A 442 -25.13 -11.93 5.22
CA ILE A 442 -24.14 -11.66 4.18
C ILE A 442 -24.10 -12.77 3.15
N ARG A 443 -24.42 -14.00 3.56
CA ARG A 443 -24.39 -15.13 2.63
C ARG A 443 -25.56 -15.10 1.67
N ASN A 444 -26.73 -14.67 2.13
CA ASN A 444 -27.88 -14.56 1.23
C ASN A 444 -27.73 -13.42 0.24
N LEU A 445 -26.91 -12.42 0.55
CA LEU A 445 -26.69 -11.29 -0.33
C LEU A 445 -25.61 -11.55 -1.38
N ILE A 446 -24.57 -12.30 -1.02
CA ILE A 446 -23.38 -12.44 -1.86
C ILE A 446 -23.38 -13.74 -2.63
N LEU A 447 -23.70 -14.85 -1.97
CA LEU A 447 -23.68 -16.15 -2.63
C LEU A 447 -24.51 -16.20 -3.90
N PRO A 448 -25.74 -15.68 -3.97
CA PRO A 448 -26.48 -15.72 -5.24
C PRO A 448 -25.74 -15.01 -6.36
N TYR A 449 -25.01 -13.93 -6.06
CA TYR A 449 -24.27 -13.21 -7.08
C TYR A 449 -23.06 -14.00 -7.56
N ILE A 450 -22.13 -14.27 -6.64
CA ILE A 450 -20.84 -14.82 -7.03
C ILE A 450 -20.93 -16.27 -7.51
N SER A 451 -22.02 -16.96 -7.20
CA SER A 451 -22.21 -18.33 -7.67
C SER A 451 -22.82 -18.40 -9.05
N ASP A 452 -23.11 -17.26 -9.67
CA ASP A 452 -23.72 -17.20 -10.99
C ASP A 452 -22.67 -16.82 -12.03
N MET A 453 -22.58 -17.61 -13.10
CA MET A 453 -21.53 -17.41 -14.09
C MET A 453 -21.67 -16.07 -14.80
N ASN A 454 -22.90 -15.67 -15.12
CA ASN A 454 -23.11 -14.41 -15.83
C ASN A 454 -22.64 -13.22 -14.99
N PHE A 455 -22.90 -13.26 -13.68
CA PHE A 455 -22.43 -12.17 -12.81
C PHE A 455 -20.91 -12.08 -12.84
N VAL A 456 -20.23 -13.23 -12.73
CA VAL A 456 -18.77 -13.23 -12.74
C VAL A 456 -18.25 -12.78 -14.09
N GLN A 457 -18.85 -13.27 -15.18
CA GLN A 457 -18.45 -12.85 -16.51
C GLN A 457 -18.67 -11.35 -16.71
N ASP A 458 -19.82 -10.84 -16.27
CA ASP A 458 -20.11 -9.41 -16.41
C ASP A 458 -19.12 -8.57 -15.60
N LEU A 459 -18.77 -9.03 -14.39
CA LEU A 459 -17.80 -8.31 -13.57
C LEU A 459 -16.44 -8.25 -14.26
N CYS A 460 -16.01 -9.36 -14.85
CA CYS A 460 -14.74 -9.38 -15.56
C CYS A 460 -14.78 -8.46 -16.78
N GLU A 461 -15.90 -8.45 -17.51
CA GLU A 461 -16.03 -7.55 -18.65
C GLU A 461 -16.03 -6.09 -18.22
N ASP A 462 -16.70 -5.78 -17.10
CA ASP A 462 -16.71 -4.41 -16.61
C ASP A 462 -15.31 -3.94 -16.22
N LEU A 463 -14.55 -4.82 -15.54
CA LEU A 463 -13.19 -4.48 -15.18
C LEU A 463 -12.30 -4.33 -16.41
N TYR A 464 -12.56 -5.14 -17.45
CA TYR A 464 -11.81 -5.00 -18.69
C TYR A 464 -12.03 -3.63 -19.32
N GLU A 465 -13.30 -3.22 -19.41
CA GLU A 465 -13.62 -1.93 -20.02
C GLU A 465 -13.01 -0.79 -19.23
N LEU A 466 -12.84 -0.96 -17.92
CA LEU A 466 -12.21 0.07 -17.10
C LEU A 466 -10.68 0.01 -17.22
N PHE A 467 -10.10 -1.18 -17.09
CA PHE A 467 -8.64 -1.31 -17.05
C PHE A 467 -7.99 -1.03 -18.39
N LYS A 468 -8.74 -1.14 -19.50
CA LYS A 468 -8.16 -0.88 -20.81
C LYS A 468 -7.84 0.60 -21.02
N THR A 469 -8.25 1.46 -20.09
CA THR A 469 -7.97 2.90 -20.20
C THR A 469 -6.47 3.17 -20.19
N ASP A 470 -5.73 2.46 -19.33
CA ASP A 470 -4.32 2.80 -19.11
C ASP A 470 -3.47 2.52 -20.35
N LYS A 471 -2.48 3.39 -20.56
CA LYS A 471 -1.58 3.26 -21.70
C LYS A 471 -0.81 1.94 -21.67
N GLY A 472 -0.53 1.42 -20.48
CA GLY A 472 0.25 0.21 -20.37
C GLY A 472 -0.59 -1.06 -20.27
N PHE A 473 -1.86 -0.98 -20.68
CA PHE A 473 -2.73 -2.14 -20.60
C PHE A 473 -2.18 -3.28 -21.45
N ASP A 474 -2.16 -4.49 -20.86
CA ASP A 474 -1.68 -5.69 -21.53
C ASP A 474 -2.74 -6.78 -21.37
N LYS A 475 -3.15 -7.38 -22.50
CA LYS A 475 -4.24 -8.33 -22.48
C LYS A 475 -3.91 -9.57 -21.66
N ALA A 476 -2.70 -10.10 -21.85
CA ALA A 476 -2.30 -11.29 -21.09
C ALA A 476 -2.24 -10.99 -19.59
N THR A 477 -1.68 -9.84 -19.23
CA THR A 477 -1.58 -9.48 -17.82
C THR A 477 -2.96 -9.28 -17.20
N PHE A 478 -3.90 -8.71 -17.95
CA PHE A 478 -5.26 -8.57 -17.45
C PHE A 478 -5.90 -9.92 -17.19
N GLU A 479 -5.70 -10.87 -18.09
CA GLU A 479 -6.25 -12.21 -17.89
C GLU A 479 -5.67 -12.88 -16.66
N SER A 480 -4.41 -12.59 -16.33
CA SER A 480 -3.84 -13.06 -15.08
C SER A 480 -4.57 -12.44 -13.88
N GLN A 481 -4.92 -11.15 -13.98
CA GLN A 481 -5.64 -10.50 -12.90
C GLN A 481 -6.99 -11.15 -12.67
N MET A 482 -7.71 -11.48 -13.74
CA MET A 482 -9.04 -12.08 -13.58
C MET A 482 -8.95 -13.50 -13.06
N SER A 483 -7.92 -14.24 -13.49
CA SER A 483 -7.73 -15.59 -12.96
C SER A 483 -7.50 -15.57 -11.46
N VAL A 484 -6.78 -14.55 -10.97
CA VAL A 484 -6.59 -14.40 -9.53
C VAL A 484 -7.92 -14.04 -8.86
N MET A 485 -8.69 -13.13 -9.45
CA MET A 485 -9.96 -12.73 -8.86
C MET A 485 -10.94 -13.89 -8.82
N ARG A 486 -10.99 -14.69 -9.89
CA ARG A 486 -11.88 -15.85 -9.91
C ARG A 486 -11.50 -16.85 -8.83
N GLY A 487 -10.19 -17.02 -8.59
CA GLY A 487 -9.75 -17.86 -7.50
C GLY A 487 -10.20 -17.34 -6.15
N GLN A 488 -10.12 -16.02 -5.96
CA GLN A 488 -10.63 -15.42 -4.73
C GLN A 488 -12.14 -15.61 -4.61
N ILE A 489 -12.85 -15.44 -5.73
CA ILE A 489 -14.30 -15.65 -5.72
C ILE A 489 -14.64 -17.10 -5.44
N LEU A 490 -13.85 -18.03 -5.99
CA LEU A 490 -14.07 -19.44 -5.72
C LEU A 490 -13.93 -19.76 -4.24
N ASN A 491 -12.83 -19.31 -3.63
CA ASN A 491 -12.62 -19.55 -2.20
C ASN A 491 -13.70 -18.90 -1.36
N LEU A 492 -14.10 -17.67 -1.72
CA LEU A 492 -15.15 -16.99 -0.99
C LEU A 492 -16.46 -17.76 -1.08
N THR A 493 -16.77 -18.30 -2.27
CA THR A 493 -17.98 -19.10 -2.41
C THR A 493 -17.96 -20.31 -1.51
N GLN A 494 -16.81 -21.01 -1.45
CA GLN A 494 -16.68 -22.15 -0.55
C GLN A 494 -16.79 -21.72 0.90
N ALA A 495 -16.15 -20.61 1.27
CA ALA A 495 -16.16 -20.16 2.66
C ALA A 495 -17.58 -19.81 3.11
N LEU A 496 -18.33 -19.09 2.27
CA LEU A 496 -19.72 -18.80 2.59
C LEU A 496 -20.56 -20.07 2.55
N ARG A 497 -20.24 -20.99 1.64
CA ARG A 497 -20.96 -22.27 1.58
C ARG A 497 -20.78 -23.06 2.87
N ASP A 498 -19.57 -23.09 3.42
CA ASP A 498 -19.26 -23.86 4.62
C ASP A 498 -19.47 -23.07 5.90
N GLY A 499 -19.96 -21.83 5.82
CA GLY A 499 -20.20 -21.05 7.01
C GLY A 499 -18.95 -20.62 7.75
N LYS A 500 -17.83 -20.52 7.05
CA LYS A 500 -16.56 -20.16 7.68
C LYS A 500 -16.58 -18.70 8.12
N SER A 501 -15.48 -18.28 8.74
CA SER A 501 -15.28 -16.93 9.22
C SER A 501 -14.23 -16.21 8.37
N PRO A 502 -14.15 -14.88 8.49
CA PRO A 502 -13.06 -14.17 7.77
C PRO A 502 -11.68 -14.70 8.13
N PHE A 503 -11.46 -15.07 9.39
CA PHE A 503 -10.18 -15.65 9.79
C PHE A 503 -9.94 -16.96 9.06
N GLN A 504 -10.97 -17.80 8.93
CA GLN A 504 -10.82 -19.05 8.19
C GLN A 504 -10.72 -18.82 6.69
N LEU A 505 -11.38 -17.76 6.19
CA LEU A 505 -11.37 -17.50 4.75
C LEU A 505 -9.95 -17.24 4.24
N VAL A 506 -9.18 -16.43 4.97
CA VAL A 506 -7.84 -16.09 4.53
C VAL A 506 -6.85 -17.24 4.67
N GLN A 507 -7.23 -18.32 5.35
CA GLN A 507 -6.37 -19.49 5.48
C GLN A 507 -6.52 -20.47 4.32
N ILE A 508 -7.60 -20.36 3.55
CA ILE A 508 -7.75 -21.24 2.39
C ILE A 508 -6.63 -20.98 1.41
N PRO A 509 -5.97 -22.01 0.87
CA PRO A 509 -4.86 -21.77 -0.06
C PRO A 509 -5.30 -20.96 -1.27
N CYS A 510 -4.48 -20.01 -1.67
CA CYS A 510 -4.79 -19.20 -2.84
C CYS A 510 -4.68 -20.04 -4.10
N VAL A 511 -5.47 -19.68 -5.10
CA VAL A 511 -5.57 -20.45 -6.34
C VAL A 511 -6.00 -19.50 -7.45
N ILE A 512 -5.66 -19.88 -8.69
CA ILE A 512 -6.11 -19.15 -9.86
C ILE A 512 -7.05 -20.07 -10.64
N VAL A 513 -8.01 -19.46 -11.34
CA VAL A 513 -8.98 -20.18 -12.14
C VAL A 513 -8.75 -19.78 -13.59
N GLU A 514 -8.27 -20.72 -14.41
CA GLU A 514 -8.07 -20.46 -15.83
C GLU A 514 -9.37 -20.62 -16.59
#